data_4OZE
#
_entry.id   4OZE
#
_cell.length_a   101.332
_cell.length_b   101.332
_cell.length_c   123.553
_cell.angle_alpha   90.00
_cell.angle_beta   90.00
_cell.angle_gamma   120.00
#
_symmetry.space_group_name_H-M   'P 61'
#
loop_
_entity.id
_entity.type
_entity.pdbx_description
1 polymer 'UDP-3-O-[3-hydroxymyristoyl] N-acetylglucosamine deacetylase'
2 non-polymer 'ZINC ION'
3 non-polymer 'CHLORIDE ION'
4 non-polymer "uridine-5'-diphosphate-3-O-(R-3-hydroxymyristoyl)-glucosamine"
5 water water
#
_entity_poly.entity_id   1
_entity_poly.type   'polypeptide(L)'
_entity_poly.pdbx_seq_one_letter_code
;MGLEKTVKEKLSFEGVGIHTGEYSKLIIHPEKEGTGIRFFKNGVYIPARHEFVVHTNHSTDLGFKGQRIKTVEHILSVLH
LLEITNVTIEVIGNEIPILDGSGWEFYEAIRKNILNQNREIDYFVVEEPIIVEDEGRLIKAEPSDTLEVTYEGEFKNFLG
RQKFTFVEGNEEEIVLARTFCFDWEIEHIKKVGLGKGGSLKNTLVLGKDKVYNPEGLRYENEPVRHKVFDLIGDLYLLGS
PVKGKFYSFRGGHSLNVKLVKELAKKQKLTRDLPHLPSVQAL
;
_entity_poly.pdbx_strand_id   A,B
#
loop_
_chem_comp.id
_chem_comp.type
_chem_comp.name
_chem_comp.formula
24G non-polymer uridine-5'-diphosphate-3-O-(R-3-hydroxymyristoyl)-glucosamine 'C29 H51 N3 O18 P2'
CL non-polymer 'CHLORIDE ION' 'Cl -1'
ZN non-polymer 'ZINC ION' 'Zn 2'
#
# COMPACT_ATOMS: atom_id res chain seq x y z
N GLY A 2 -24.88 -2.18 -35.45
CA GLY A 2 -23.93 -3.19 -34.98
C GLY A 2 -24.62 -4.47 -34.55
N LEU A 3 -23.90 -5.60 -34.65
CA LEU A 3 -24.51 -6.88 -34.29
C LEU A 3 -24.28 -7.17 -32.84
N GLU A 4 -25.24 -7.86 -32.21
CA GLU A 4 -25.07 -8.30 -30.82
C GLU A 4 -23.82 -9.14 -30.74
N LYS A 5 -23.15 -9.13 -29.57
CA LYS A 5 -21.90 -9.85 -29.42
C LYS A 5 -21.81 -10.51 -28.06
N THR A 6 -21.09 -11.65 -28.02
CA THR A 6 -20.75 -12.39 -26.80
C THR A 6 -19.26 -12.68 -26.86
N VAL A 7 -18.75 -13.49 -25.93
CA VAL A 7 -17.37 -13.91 -25.95
C VAL A 7 -17.32 -15.32 -26.57
N LYS A 8 -16.22 -15.61 -27.27
CA LYS A 8 -16.00 -16.90 -27.96
C LYS A 8 -15.85 -18.06 -26.99
N GLU A 9 -15.32 -17.79 -25.80
CA GLU A 9 -15.12 -18.80 -24.77
C GLU A 9 -15.10 -18.13 -23.40
N LYS A 10 -15.20 -18.93 -22.33
CA LYS A 10 -15.11 -18.46 -20.94
C LYS A 10 -13.76 -17.78 -20.70
N LEU A 11 -13.80 -16.62 -20.03
CA LEU A 11 -12.62 -15.83 -19.73
C LEU A 11 -12.60 -15.67 -18.22
N SER A 12 -11.40 -15.74 -17.62
CA SER A 12 -11.27 -15.65 -16.17
C SER A 12 -10.33 -14.51 -15.77
N PHE A 13 -10.64 -13.87 -14.63
CA PHE A 13 -9.83 -12.80 -14.04
C PHE A 13 -9.90 -12.97 -12.54
N GLU A 14 -8.84 -12.60 -11.84
CA GLU A 14 -8.84 -12.74 -10.38
C GLU A 14 -7.96 -11.69 -9.75
N GLY A 15 -8.25 -11.38 -8.50
CA GLY A 15 -7.44 -10.43 -7.76
C GLY A 15 -8.18 -9.79 -6.61
N VAL A 16 -7.48 -8.91 -5.93
CA VAL A 16 -8.04 -8.17 -4.81
C VAL A 16 -9.10 -7.17 -5.27
N GLY A 17 -10.12 -6.96 -4.42
CA GLY A 17 -11.12 -5.91 -4.60
C GLY A 17 -10.59 -4.65 -3.92
N ILE A 18 -10.65 -3.50 -4.60
CA ILE A 18 -10.09 -2.27 -4.02
C ILE A 18 -10.76 -1.87 -2.70
N HIS A 19 -12.06 -2.13 -2.55
CA HIS A 19 -12.76 -1.72 -1.33
C HIS A 19 -12.79 -2.78 -0.25
N THR A 20 -13.03 -4.04 -0.62
CA THR A 20 -13.13 -5.12 0.37
C THR A 20 -11.77 -5.56 0.85
N GLY A 21 -10.75 -5.48 -0.02
CA GLY A 21 -9.43 -5.99 0.28
C GLY A 21 -9.39 -7.50 0.26
N GLU A 22 -10.48 -8.13 -0.24
CA GLU A 22 -10.65 -9.59 -0.36
C GLU A 22 -10.31 -10.04 -1.79
N TYR A 23 -9.92 -11.29 -1.93
CA TYR A 23 -9.66 -11.86 -3.26
C TYR A 23 -10.99 -12.28 -3.87
N SER A 24 -11.15 -12.01 -5.17
CA SER A 24 -12.34 -12.48 -5.86
C SER A 24 -11.93 -12.97 -7.24
N LYS A 25 -12.78 -13.79 -7.83
CA LYS A 25 -12.56 -14.37 -9.15
C LYS A 25 -13.77 -14.09 -10.01
N LEU A 26 -13.55 -13.82 -11.31
CA LEU A 26 -14.61 -13.60 -12.27
C LEU A 26 -14.52 -14.67 -13.32
N ILE A 27 -15.68 -15.11 -13.85
CA ILE A 27 -15.75 -16.02 -15.01
C ILE A 27 -16.77 -15.40 -15.92
N ILE A 28 -16.34 -14.97 -17.11
CA ILE A 28 -17.21 -14.34 -18.09
C ILE A 28 -17.68 -15.46 -19.00
N HIS A 29 -18.99 -15.73 -18.98
CA HIS A 29 -19.62 -16.81 -19.75
C HIS A 29 -20.30 -16.30 -21.01
N PRO A 30 -20.13 -17.02 -22.13
CA PRO A 30 -20.90 -16.69 -23.34
C PRO A 30 -22.40 -16.89 -23.09
N GLU A 31 -23.24 -16.09 -23.78
CA GLU A 31 -24.70 -16.22 -23.68
C GLU A 31 -25.29 -15.98 -25.04
N LYS A 32 -26.50 -16.53 -25.28
CA LYS A 32 -27.20 -16.36 -26.57
C LYS A 32 -27.82 -14.97 -26.77
N GLU A 33 -28.31 -14.69 -27.98
CA GLU A 33 -28.94 -13.42 -28.34
C GLU A 33 -30.09 -13.11 -27.41
N GLY A 34 -30.22 -11.83 -27.08
CA GLY A 34 -31.30 -11.29 -26.24
C GLY A 34 -31.17 -11.55 -24.75
N THR A 35 -30.04 -12.10 -24.28
CA THR A 35 -29.84 -12.38 -22.84
C THR A 35 -29.56 -11.08 -22.05
N GLY A 36 -28.71 -10.23 -22.60
CA GLY A 36 -28.30 -9.01 -21.93
C GLY A 36 -27.07 -9.29 -21.08
N ILE A 37 -26.61 -8.26 -20.36
CA ILE A 37 -25.45 -8.39 -19.48
C ILE A 37 -25.98 -8.63 -18.08
N ARG A 38 -25.51 -9.69 -17.44
CA ARG A 38 -25.93 -9.98 -16.07
C ARG A 38 -24.77 -10.51 -15.27
N PHE A 39 -24.81 -10.29 -13.96
CA PHE A 39 -23.85 -10.90 -13.04
C PHE A 39 -24.51 -12.15 -12.43
N PHE A 40 -23.69 -13.04 -11.89
CA PHE A 40 -24.18 -14.25 -11.23
C PHE A 40 -23.36 -14.47 -9.99
N LYS A 41 -24.04 -14.59 -8.85
CA LYS A 41 -23.33 -14.77 -7.58
C LYS A 41 -24.22 -15.62 -6.67
N ASN A 42 -23.64 -16.69 -6.09
CA ASN A 42 -24.36 -17.59 -5.17
C ASN A 42 -25.78 -17.96 -5.65
N GLY A 43 -25.91 -18.39 -6.90
CA GLY A 43 -27.17 -18.82 -7.48
C GLY A 43 -28.14 -17.75 -7.90
N VAL A 44 -27.76 -16.46 -7.79
CA VAL A 44 -28.67 -15.37 -8.14
C VAL A 44 -28.17 -14.60 -9.36
N TYR A 45 -29.05 -14.31 -10.32
CA TYR A 45 -28.65 -13.46 -11.45
C TYR A 45 -28.99 -12.02 -11.10
N ILE A 46 -28.00 -11.13 -11.28
CA ILE A 46 -28.18 -9.70 -11.02
C ILE A 46 -28.00 -8.97 -12.36
N PRO A 47 -29.10 -8.53 -13.01
CA PRO A 47 -28.95 -7.82 -14.29
C PRO A 47 -28.12 -6.54 -14.12
N ALA A 48 -27.31 -6.22 -15.12
CA ALA A 48 -26.50 -4.99 -15.08
C ALA A 48 -27.38 -3.82 -15.53
N ARG A 49 -28.37 -3.46 -14.67
CA ARG A 49 -29.36 -2.43 -14.95
C ARG A 49 -29.53 -1.54 -13.75
N HIS A 50 -29.94 -0.29 -13.99
CA HIS A 50 -30.08 0.72 -12.94
C HIS A 50 -31.03 0.31 -11.80
N GLU A 51 -32.07 -0.55 -12.08
CA GLU A 51 -32.99 -0.95 -11.00
C GLU A 51 -32.31 -1.74 -9.86
N PHE A 52 -31.10 -2.28 -10.13
CA PHE A 52 -30.35 -3.11 -9.20
C PHE A 52 -29.22 -2.36 -8.53
N VAL A 53 -29.10 -1.05 -8.77
CA VAL A 53 -28.05 -0.29 -8.08
C VAL A 53 -28.42 -0.14 -6.60
N VAL A 54 -27.48 -0.46 -5.70
CA VAL A 54 -27.76 -0.37 -4.25
C VAL A 54 -26.88 0.67 -3.52
N HIS A 55 -25.76 1.09 -4.14
CA HIS A 55 -24.83 2.03 -3.52
C HIS A 55 -24.01 2.69 -4.61
N THR A 56 -23.73 4.00 -4.48
CA THR A 56 -22.91 4.71 -5.46
C THR A 56 -21.84 5.63 -4.86
N ASN A 57 -21.58 5.37 -3.56
N ASN A 57 -21.61 5.72 -3.56
CA ASN A 57 -20.60 6.03 -2.73
CA ASN A 57 -20.72 6.82 -3.10
C ASN A 57 -19.30 5.27 -2.74
C ASN A 57 -19.21 6.87 -3.57
N HIS A 58 -18.52 5.72 -3.59
CA HIS A 58 -17.12 5.41 -3.89
C HIS A 58 -16.97 4.24 -4.88
N SER A 59 -18.09 3.77 -5.46
CA SER A 59 -18.13 2.71 -6.45
C SER A 59 -19.56 2.53 -6.86
N THR A 60 -19.80 1.80 -7.96
CA THR A 60 -21.18 1.50 -8.38
C THR A 60 -21.42 0.04 -7.99
N ASP A 61 -22.37 -0.19 -7.05
CA ASP A 61 -22.61 -1.54 -6.57
C ASP A 61 -24.02 -2.01 -6.89
N LEU A 62 -24.17 -3.31 -7.19
CA LEU A 62 -25.47 -3.88 -7.55
C LEU A 62 -25.87 -4.95 -6.55
N GLY A 63 -27.16 -5.22 -6.49
CA GLY A 63 -27.63 -6.28 -5.62
C GLY A 63 -29.01 -6.74 -5.97
N PHE A 64 -29.29 -7.97 -5.63
CA PHE A 64 -30.62 -8.54 -5.82
C PHE A 64 -30.76 -9.76 -4.94
N LYS A 65 -31.96 -9.93 -4.35
CA LYS A 65 -32.30 -11.11 -3.53
C LYS A 65 -31.24 -11.46 -2.46
N GLY A 66 -30.66 -10.44 -1.84
CA GLY A 66 -29.68 -10.66 -0.79
C GLY A 66 -28.24 -10.85 -1.23
N GLN A 67 -27.96 -10.77 -2.54
CA GLN A 67 -26.60 -10.95 -3.06
C GLN A 67 -26.12 -9.62 -3.59
N ARG A 68 -24.90 -9.21 -3.22
CA ARG A 68 -24.40 -7.89 -3.65
CA ARG A 68 -24.40 -7.90 -3.65
C ARG A 68 -23.04 -8.03 -4.30
N ILE A 69 -22.76 -7.13 -5.28
CA ILE A 69 -21.45 -7.13 -5.94
C ILE A 69 -21.00 -5.67 -5.98
N LYS A 70 -19.82 -5.38 -5.44
CA LYS A 70 -19.28 -4.03 -5.46
C LYS A 70 -18.39 -3.80 -6.70
N THR A 71 -18.32 -2.54 -7.11
CA THR A 71 -17.37 -1.98 -8.08
C THR A 71 -17.54 -2.57 -9.48
N VAL A 72 -18.73 -2.40 -10.05
CA VAL A 72 -18.97 -2.97 -11.40
C VAL A 72 -18.60 -2.01 -12.54
N GLU A 73 -18.23 -0.77 -12.20
CA GLU A 73 -18.05 0.27 -13.22
C GLU A 73 -17.04 -0.03 -14.32
N HIS A 74 -15.94 -0.67 -13.98
CA HIS A 74 -14.88 -0.89 -14.98
C HIS A 74 -15.18 -2.04 -15.91
N ILE A 75 -15.63 -3.17 -15.38
CA ILE A 75 -15.99 -4.27 -16.28
C ILE A 75 -17.16 -3.85 -17.18
N LEU A 76 -18.14 -3.11 -16.63
CA LEU A 76 -19.26 -2.67 -17.47
C LEU A 76 -18.80 -1.66 -18.54
N SER A 77 -17.80 -0.77 -18.21
CA SER A 77 -17.35 0.20 -19.21
C SER A 77 -16.70 -0.52 -20.38
N VAL A 78 -15.85 -1.53 -20.10
CA VAL A 78 -15.17 -2.29 -21.15
C VAL A 78 -16.22 -3.03 -22.02
N LEU A 79 -17.20 -3.68 -21.38
CA LEU A 79 -18.25 -4.38 -22.15
C LEU A 79 -19.03 -3.41 -23.05
N HIS A 80 -19.32 -2.21 -22.53
CA HIS A 80 -20.02 -1.16 -23.30
C HIS A 80 -19.17 -0.73 -24.48
N LEU A 81 -17.88 -0.45 -24.23
CA LEU A 81 -16.97 0.00 -25.30
C LEU A 81 -16.84 -1.00 -26.42
N LEU A 82 -16.85 -2.31 -26.07
CA LEU A 82 -16.69 -3.37 -27.07
C LEU A 82 -18.01 -3.87 -27.64
N GLU A 83 -19.13 -3.29 -27.18
CA GLU A 83 -20.49 -3.69 -27.57
C GLU A 83 -20.80 -5.14 -27.23
N ILE A 84 -20.19 -5.67 -26.17
CA ILE A 84 -20.55 -7.02 -25.75
C ILE A 84 -21.92 -6.88 -25.13
N THR A 85 -22.94 -7.59 -25.67
CA THR A 85 -24.32 -7.41 -25.24
C THR A 85 -24.90 -8.59 -24.49
N ASN A 86 -24.33 -9.79 -24.66
CA ASN A 86 -24.86 -11.00 -24.03
C ASN A 86 -23.76 -11.71 -23.30
N VAL A 87 -23.76 -11.66 -21.96
CA VAL A 87 -22.67 -12.29 -21.20
C VAL A 87 -23.14 -12.45 -19.77
N THR A 88 -22.62 -13.47 -19.10
CA THR A 88 -22.87 -13.64 -17.65
C THR A 88 -21.53 -13.47 -16.98
N ILE A 89 -21.45 -12.55 -16.01
CA ILE A 89 -20.22 -12.32 -15.26
C ILE A 89 -20.41 -13.05 -13.92
N GLU A 90 -19.88 -14.29 -13.81
CA GLU A 90 -19.98 -15.03 -12.55
C GLU A 90 -18.94 -14.44 -11.62
N VAL A 91 -19.35 -14.08 -10.40
CA VAL A 91 -18.43 -13.50 -9.41
C VAL A 91 -18.36 -14.44 -8.22
N ILE A 92 -17.15 -14.90 -7.91
CA ILE A 92 -16.90 -15.77 -6.75
C ILE A 92 -16.20 -14.78 -5.78
N GLY A 93 -17.01 -14.16 -4.94
CA GLY A 93 -16.55 -13.10 -4.05
C GLY A 93 -17.53 -11.95 -4.00
N ASN A 94 -17.13 -10.84 -3.39
CA ASN A 94 -18.04 -9.74 -3.12
C ASN A 94 -17.82 -8.48 -3.94
N GLU A 95 -16.81 -8.50 -4.81
CA GLU A 95 -16.45 -7.29 -5.54
C GLU A 95 -15.72 -7.73 -6.78
N ILE A 96 -15.76 -6.89 -7.81
CA ILE A 96 -14.99 -7.16 -9.02
C ILE A 96 -13.51 -6.83 -8.70
N PRO A 97 -12.55 -7.69 -9.14
CA PRO A 97 -11.11 -7.40 -8.94
C PRO A 97 -10.75 -6.07 -9.60
N ILE A 98 -9.97 -5.27 -8.90
CA ILE A 98 -9.58 -3.93 -9.39
C ILE A 98 -8.46 -4.02 -10.43
N LEU A 99 -7.63 -5.06 -10.32
CA LEU A 99 -6.46 -5.25 -11.20
C LEU A 99 -5.55 -4.00 -11.11
N ASP A 100 -5.20 -3.30 -12.21
CA ASP A 100 -4.32 -2.13 -12.04
C ASP A 100 -5.10 -0.81 -11.86
N GLY A 101 -6.43 -0.88 -11.69
CA GLY A 101 -7.26 0.29 -11.51
C GLY A 101 -7.83 0.86 -12.79
N SER A 102 -7.51 0.22 -13.94
CA SER A 102 -8.01 0.64 -15.26
C SER A 102 -8.81 -0.51 -15.91
N GLY A 103 -9.22 -0.34 -17.16
CA GLY A 103 -9.93 -1.43 -17.83
C GLY A 103 -9.04 -2.23 -18.77
N TRP A 104 -7.71 -1.98 -18.76
CA TRP A 104 -6.79 -2.58 -19.73
C TRP A 104 -6.82 -4.11 -19.83
N GLU A 105 -6.65 -4.81 -18.69
CA GLU A 105 -6.62 -6.26 -18.70
C GLU A 105 -7.93 -6.84 -19.21
N PHE A 106 -9.09 -6.28 -18.77
CA PHE A 106 -10.38 -6.77 -19.28
C PHE A 106 -10.49 -6.49 -20.78
N TYR A 107 -10.11 -5.28 -21.21
CA TYR A 107 -10.24 -4.86 -22.60
C TYR A 107 -9.42 -5.73 -23.54
N GLU A 108 -8.13 -5.93 -23.22
CA GLU A 108 -7.22 -6.75 -24.06
C GLU A 108 -7.73 -8.18 -24.21
N ALA A 109 -8.20 -8.81 -23.11
CA ALA A 109 -8.69 -10.19 -23.17
C ALA A 109 -10.01 -10.32 -23.91
N ILE A 110 -10.99 -9.43 -23.63
CA ILE A 110 -12.30 -9.51 -24.24
C ILE A 110 -12.23 -9.17 -25.75
N ARG A 111 -11.43 -8.14 -26.11
CA ARG A 111 -11.30 -7.69 -27.51
C ARG A 111 -10.83 -8.82 -28.42
N LYS A 112 -9.94 -9.69 -27.91
CA LYS A 112 -9.40 -10.83 -28.66
C LYS A 112 -10.40 -12.01 -28.76
N ASN A 113 -11.52 -11.94 -28.03
CA ASN A 113 -12.49 -13.03 -27.94
C ASN A 113 -13.92 -12.62 -28.32
N ILE A 114 -14.10 -11.66 -29.22
CA ILE A 114 -15.44 -11.21 -29.62
C ILE A 114 -16.11 -12.22 -30.56
N LEU A 115 -17.40 -12.50 -30.32
CA LEU A 115 -18.20 -13.35 -31.18
C LEU A 115 -19.43 -12.58 -31.62
N ASN A 116 -19.51 -12.24 -32.95
CA ASN A 116 -20.70 -11.56 -33.44
C ASN A 116 -21.81 -12.58 -33.50
N GLN A 117 -23.02 -12.12 -33.21
CA GLN A 117 -24.23 -12.92 -33.07
C GLN A 117 -25.31 -12.52 -34.10
N ASN A 118 -26.49 -13.15 -34.02
CA ASN A 118 -27.51 -13.04 -35.07
C ASN A 118 -28.66 -12.09 -34.80
N ARG A 119 -28.33 -10.90 -34.26
CA ARG A 119 -29.32 -9.84 -34.06
C ARG A 119 -28.64 -8.50 -34.20
N GLU A 120 -29.40 -7.51 -34.66
CA GLU A 120 -28.96 -6.11 -34.65
C GLU A 120 -29.15 -5.64 -33.21
N ILE A 121 -28.17 -4.90 -32.67
CA ILE A 121 -28.28 -4.34 -31.31
C ILE A 121 -29.45 -3.35 -31.25
N ASP A 122 -30.25 -3.42 -30.16
CA ASP A 122 -31.32 -2.46 -29.92
C ASP A 122 -30.69 -1.41 -28.99
N TYR A 123 -30.10 -0.36 -29.56
CA TYR A 123 -29.42 0.70 -28.80
C TYR A 123 -30.36 1.52 -27.95
N PHE A 124 -29.87 2.01 -26.80
CA PHE A 124 -30.64 2.99 -26.04
C PHE A 124 -30.28 4.32 -26.68
N VAL A 125 -31.24 4.96 -27.38
CA VAL A 125 -30.95 6.18 -28.12
C VAL A 125 -31.52 7.40 -27.38
N VAL A 126 -30.65 8.34 -26.95
CA VAL A 126 -31.10 9.54 -26.24
C VAL A 126 -31.94 10.33 -27.27
N GLU A 127 -33.20 10.61 -26.92
CA GLU A 127 -34.17 11.22 -27.84
C GLU A 127 -34.30 12.73 -27.74
N GLU A 128 -34.04 13.29 -26.55
CA GLU A 128 -34.12 14.73 -26.34
C GLU A 128 -33.11 15.21 -25.27
N PRO A 129 -32.81 16.52 -25.19
CA PRO A 129 -31.84 16.97 -24.16
C PRO A 129 -32.37 16.81 -22.75
N ILE A 130 -31.46 16.55 -21.82
CA ILE A 130 -31.77 16.41 -20.40
C ILE A 130 -30.56 16.92 -19.64
N ILE A 131 -30.82 17.58 -18.49
CA ILE A 131 -29.78 18.04 -17.59
C ILE A 131 -30.14 17.54 -16.20
N VAL A 132 -29.15 16.95 -15.48
CA VAL A 132 -29.31 16.54 -14.09
C VAL A 132 -28.23 17.29 -13.31
N GLU A 133 -28.57 17.75 -12.10
CA GLU A 133 -27.68 18.53 -11.27
C GLU A 133 -27.69 18.10 -9.83
N ASP A 134 -26.60 18.37 -9.13
CA ASP A 134 -26.44 18.10 -7.70
C ASP A 134 -25.29 18.96 -7.19
N GLU A 135 -25.55 19.91 -6.28
CA GLU A 135 -24.59 20.80 -5.62
C GLU A 135 -23.27 21.00 -6.41
N GLY A 136 -23.33 21.89 -7.40
CA GLY A 136 -22.21 22.25 -8.25
C GLY A 136 -21.87 21.29 -9.38
N ARG A 137 -22.41 20.07 -9.33
CA ARG A 137 -22.13 19.06 -10.37
C ARG A 137 -23.26 19.05 -11.38
N LEU A 138 -22.96 18.74 -12.65
CA LEU A 138 -23.99 18.73 -13.68
C LEU A 138 -23.67 17.69 -14.72
N ILE A 139 -24.69 17.06 -15.32
CA ILE A 139 -24.48 16.17 -16.47
C ILE A 139 -25.57 16.48 -17.46
N LYS A 140 -25.18 16.68 -18.72
CA LYS A 140 -26.10 16.98 -19.81
C LYS A 140 -26.06 15.83 -20.82
N ALA A 141 -27.21 15.43 -21.35
CA ALA A 141 -27.24 14.40 -22.39
C ALA A 141 -28.09 14.97 -23.53
N GLU A 142 -27.73 14.64 -24.76
CA GLU A 142 -28.50 15.09 -25.92
C GLU A 142 -28.37 14.05 -27.05
N PRO A 143 -29.28 14.11 -28.05
CA PRO A 143 -29.19 13.14 -29.13
C PRO A 143 -27.90 13.21 -29.94
N SER A 144 -27.45 12.04 -30.38
CA SER A 144 -26.28 11.83 -31.20
C SER A 144 -26.30 10.44 -31.82
N ASP A 145 -25.86 10.33 -33.08
CA ASP A 145 -25.78 9.05 -33.78
C ASP A 145 -24.65 8.17 -33.26
N THR A 146 -23.68 8.78 -32.56
CA THR A 146 -22.52 8.08 -32.01
C THR A 146 -22.45 8.40 -30.52
N LEU A 147 -21.77 7.54 -29.76
CA LEU A 147 -21.56 7.81 -28.35
C LEU A 147 -20.39 8.79 -28.24
N GLU A 148 -20.62 9.92 -27.57
CA GLU A 148 -19.60 10.94 -27.38
C GLU A 148 -19.69 11.33 -25.93
N VAL A 149 -18.56 11.28 -25.17
CA VAL A 149 -18.64 11.58 -23.76
C VAL A 149 -17.49 12.53 -23.38
N THR A 150 -17.85 13.68 -22.78
CA THR A 150 -16.87 14.67 -22.32
C THR A 150 -16.99 14.78 -20.82
N TYR A 151 -15.84 14.81 -20.14
CA TYR A 151 -15.83 15.04 -18.71
C TYR A 151 -14.96 16.27 -18.47
N GLU A 152 -15.46 17.18 -17.66
CA GLU A 152 -14.71 18.36 -17.26
C GLU A 152 -14.61 18.35 -15.74
N GLY A 153 -13.38 18.27 -15.27
CA GLY A 153 -13.10 18.30 -13.84
C GLY A 153 -12.64 19.69 -13.40
N GLU A 154 -12.82 19.98 -12.12
CA GLU A 154 -12.37 21.23 -11.51
C GLU A 154 -11.86 20.79 -10.16
N PHE A 155 -10.56 20.58 -10.09
CA PHE A 155 -9.93 19.99 -8.92
C PHE A 155 -9.28 21.02 -8.03
N LYS A 156 -9.25 20.77 -6.70
CA LYS A 156 -8.64 21.70 -5.75
C LYS A 156 -7.10 21.65 -5.76
N ASN A 157 -6.52 20.60 -6.34
CA ASN A 157 -5.08 20.42 -6.38
C ASN A 157 -4.49 20.89 -7.74
N PHE A 158 -3.26 20.50 -8.05
CA PHE A 158 -2.53 20.88 -9.28
C PHE A 158 -3.30 20.59 -10.58
N LEU A 159 -4.21 19.59 -10.59
CA LEU A 159 -4.95 19.24 -11.80
C LEU A 159 -5.78 20.42 -12.35
N GLY A 160 -6.27 21.28 -11.44
CA GLY A 160 -7.05 22.45 -11.84
C GLY A 160 -8.28 22.11 -12.66
N ARG A 161 -8.51 22.85 -13.75
CA ARG A 161 -9.68 22.63 -14.63
C ARG A 161 -9.21 22.02 -15.93
N GLN A 162 -9.69 20.82 -16.24
CA GLN A 162 -9.21 20.09 -17.42
C GLN A 162 -10.42 19.34 -17.99
N LYS A 163 -10.41 19.06 -19.30
CA LYS A 163 -11.50 18.24 -19.85
C LYS A 163 -10.97 17.24 -20.83
N PHE A 164 -11.75 16.19 -21.13
CA PHE A 164 -11.36 15.18 -22.09
C PHE A 164 -12.61 14.66 -22.77
N THR A 165 -12.53 14.44 -24.09
CA THR A 165 -13.67 13.91 -24.86
C THR A 165 -13.33 12.58 -25.52
N PHE A 166 -14.18 11.56 -25.26
CA PHE A 166 -14.14 10.29 -25.93
C PHE A 166 -15.12 10.35 -27.10
N VAL A 167 -14.71 9.80 -28.23
CA VAL A 167 -15.59 9.57 -29.37
C VAL A 167 -15.36 8.13 -29.80
N GLU A 168 -16.37 7.50 -30.41
CA GLU A 168 -16.21 6.14 -30.93
C GLU A 168 -14.98 5.99 -31.79
N GLY A 169 -14.25 4.91 -31.57
CA GLY A 169 -13.01 4.63 -32.27
C GLY A 169 -11.79 4.99 -31.45
N ASN A 170 -11.99 5.74 -30.35
CA ASN A 170 -10.87 6.15 -29.49
C ASN A 170 -10.88 5.40 -28.14
N GLU A 171 -11.38 4.16 -28.12
CA GLU A 171 -11.44 3.34 -26.90
C GLU A 171 -10.07 3.20 -26.22
N GLU A 172 -9.02 3.02 -27.04
CA GLU A 172 -7.68 2.87 -26.51
C GLU A 172 -7.17 4.07 -25.70
N GLU A 173 -7.80 5.25 -25.87
CA GLU A 173 -7.40 6.46 -25.15
C GLU A 173 -7.88 6.50 -23.71
N ILE A 174 -8.89 5.66 -23.36
CA ILE A 174 -9.41 5.69 -21.98
C ILE A 174 -9.27 4.38 -21.20
N VAL A 175 -9.04 3.23 -21.89
CA VAL A 175 -9.01 1.94 -21.17
C VAL A 175 -7.76 1.76 -20.29
N LEU A 176 -6.73 2.60 -20.45
CA LEU A 176 -5.54 2.50 -19.63
C LEU A 176 -5.59 3.48 -18.45
N ALA A 177 -6.55 4.42 -18.43
CA ALA A 177 -6.62 5.46 -17.37
C ALA A 177 -7.06 4.84 -16.04
N ARG A 178 -6.25 5.04 -15.00
CA ARG A 178 -6.52 4.42 -13.70
CA ARG A 178 -6.48 4.42 -13.69
C ARG A 178 -7.35 5.23 -12.74
N THR A 179 -8.02 4.52 -11.82
CA THR A 179 -8.79 5.15 -10.75
C THR A 179 -7.80 5.97 -9.88
N PHE A 180 -8.32 6.99 -9.22
CA PHE A 180 -7.46 7.88 -8.44
C PHE A 180 -8.16 8.39 -7.21
N CYS A 181 -7.38 8.82 -6.22
CA CYS A 181 -7.98 9.48 -5.07
C CYS A 181 -7.01 10.51 -4.57
N PHE A 182 -7.46 11.40 -3.70
CA PHE A 182 -6.59 12.43 -3.14
C PHE A 182 -6.14 11.99 -1.75
N ASP A 183 -4.92 12.38 -1.35
CA ASP A 183 -4.41 11.95 -0.03
C ASP A 183 -5.36 12.37 1.11
N TRP A 184 -6.01 13.54 0.99
CA TRP A 184 -6.94 14.02 2.01
C TRP A 184 -8.24 13.21 2.10
N GLU A 185 -8.50 12.31 1.14
CA GLU A 185 -9.72 11.49 1.12
C GLU A 185 -9.54 10.15 1.82
N ILE A 186 -8.28 9.71 2.02
CA ILE A 186 -7.97 8.38 2.55
C ILE A 186 -8.62 8.16 3.91
N GLU A 187 -8.56 9.14 4.80
CA GLU A 187 -9.14 9.01 6.15
C GLU A 187 -10.61 8.63 6.08
N HIS A 188 -11.40 9.38 5.29
CA HIS A 188 -12.82 9.14 5.13
C HIS A 188 -13.10 7.77 4.54
N ILE A 189 -12.42 7.42 3.42
CA ILE A 189 -12.66 6.15 2.75
C ILE A 189 -12.39 4.96 3.67
N LYS A 190 -11.28 5.02 4.45
CA LYS A 190 -10.96 3.93 5.38
C LYS A 190 -11.99 3.88 6.53
N LYS A 191 -12.41 5.06 7.01
CA LYS A 191 -13.37 5.20 8.12
C LYS A 191 -14.73 4.60 7.81
N VAL A 192 -15.18 4.67 6.55
CA VAL A 192 -16.49 4.10 6.19
C VAL A 192 -16.40 2.61 5.77
N GLY A 193 -15.28 1.96 6.07
CA GLY A 193 -15.09 0.53 5.79
C GLY A 193 -14.81 0.21 4.33
N LEU A 194 -14.19 1.17 3.63
CA LEU A 194 -13.87 1.02 2.21
C LEU A 194 -12.34 1.16 1.99
N GLY A 195 -11.91 1.06 0.73
CA GLY A 195 -10.50 1.18 0.35
C GLY A 195 -9.54 0.18 0.96
N LYS A 196 -10.05 -1.00 1.41
CA LYS A 196 -9.21 -1.97 2.12
C LYS A 196 -8.14 -2.64 1.27
N GLY A 197 -8.36 -2.67 -0.04
CA GLY A 197 -7.42 -3.28 -0.97
C GLY A 197 -6.64 -2.26 -1.76
N GLY A 198 -6.79 -0.97 -1.42
CA GLY A 198 -6.09 0.10 -2.14
C GLY A 198 -4.60 0.11 -1.93
N SER A 199 -3.83 0.34 -3.01
CA SER A 199 -2.37 0.44 -2.90
C SER A 199 -1.89 1.28 -4.08
N LEU A 200 -0.60 1.63 -4.11
CA LEU A 200 -0.11 2.38 -5.28
C LEU A 200 -0.07 1.56 -6.58
N LYS A 201 -0.30 0.23 -6.49
CA LYS A 201 -0.32 -0.69 -7.62
C LYS A 201 -1.69 -0.67 -8.31
N ASN A 202 -2.73 -0.20 -7.61
CA ASN A 202 -4.06 -0.18 -8.22
C ASN A 202 -4.81 1.16 -8.14
N THR A 203 -4.19 2.21 -7.59
CA THR A 203 -4.84 3.50 -7.51
C THR A 203 -3.77 4.58 -7.67
N LEU A 204 -4.11 5.65 -8.38
CA LEU A 204 -3.24 6.83 -8.40
C LEU A 204 -3.58 7.57 -7.10
N VAL A 205 -2.57 8.01 -6.35
CA VAL A 205 -2.83 8.79 -5.14
C VAL A 205 -2.18 10.13 -5.38
N LEU A 206 -2.98 11.20 -5.35
CA LEU A 206 -2.54 12.55 -5.64
C LEU A 206 -2.63 13.43 -4.42
N GLY A 207 -1.69 14.34 -4.27
CA GLY A 207 -1.75 15.32 -3.20
C GLY A 207 -2.00 16.70 -3.78
N LYS A 208 -1.91 17.74 -2.95
CA LYS A 208 -2.11 19.13 -3.42
C LYS A 208 -1.16 19.47 -4.59
N ASP A 209 0.11 19.03 -4.51
CA ASP A 209 1.09 19.31 -5.55
C ASP A 209 1.81 18.07 -6.09
N LYS A 210 1.52 16.90 -5.54
CA LYS A 210 2.26 15.70 -5.92
C LYS A 210 1.46 14.49 -6.38
N VAL A 211 2.19 13.56 -7.04
CA VAL A 211 1.73 12.27 -7.50
C VAL A 211 2.59 11.28 -6.71
N TYR A 212 2.00 10.55 -5.75
CA TYR A 212 2.78 9.61 -4.92
C TYR A 212 3.29 8.40 -5.69
N ASN A 213 2.53 7.94 -6.70
CA ASN A 213 2.95 6.77 -7.49
C ASN A 213 4.27 7.04 -8.18
N PRO A 214 5.30 6.19 -7.96
CA PRO A 214 6.60 6.46 -8.60
C PRO A 214 6.57 6.50 -10.12
N GLU A 215 5.66 5.72 -10.76
CA GLU A 215 5.47 5.68 -12.22
C GLU A 215 4.86 7.00 -12.75
N GLY A 216 4.28 7.80 -11.86
CA GLY A 216 3.62 9.05 -12.20
C GLY A 216 2.34 8.81 -12.98
N LEU A 217 1.87 9.86 -13.67
CA LEU A 217 0.67 9.74 -14.51
C LEU A 217 1.00 9.21 -15.91
N ARG A 218 0.10 8.38 -16.50
CA ARG A 218 0.20 7.83 -17.85
CA ARG A 218 0.30 7.88 -17.87
C ARG A 218 -0.01 9.01 -18.85
N TYR A 219 -0.92 9.91 -18.48
CA TYR A 219 -1.28 11.08 -19.27
C TYR A 219 -1.43 12.22 -18.28
N GLU A 220 -1.13 13.47 -18.68
CA GLU A 220 -1.30 14.60 -17.77
C GLU A 220 -2.76 14.74 -17.30
N ASN A 221 -3.73 14.26 -18.11
CA ASN A 221 -5.14 14.31 -17.73
C ASN A 221 -5.69 12.91 -17.44
N GLU A 222 -4.83 11.96 -16.99
CA GLU A 222 -5.29 10.60 -16.70
C GLU A 222 -6.55 10.61 -15.80
N PRO A 223 -6.65 11.46 -14.74
CA PRO A 223 -7.87 11.43 -13.90
C PRO A 223 -9.16 11.72 -14.68
N VAL A 224 -9.19 12.76 -15.57
N VAL A 224 -9.11 12.71 -15.56
CA VAL A 224 -10.43 13.03 -16.32
CA VAL A 224 -10.23 13.13 -16.39
C VAL A 224 -10.68 11.93 -17.37
C VAL A 224 -10.61 12.01 -17.37
N ARG A 225 -9.62 11.32 -17.96
CA ARG A 225 -9.86 10.18 -18.89
C ARG A 225 -10.56 9.04 -18.10
N HIS A 226 -10.12 8.83 -16.83
CA HIS A 226 -10.73 7.80 -15.99
C HIS A 226 -12.21 8.11 -15.70
N LYS A 227 -12.52 9.38 -15.44
CA LYS A 227 -13.92 9.74 -15.14
C LYS A 227 -14.81 9.52 -16.37
N VAL A 228 -14.27 9.74 -17.59
CA VAL A 228 -15.01 9.43 -18.82
C VAL A 228 -15.27 7.91 -18.85
N PHE A 229 -14.25 7.10 -18.58
CA PHE A 229 -14.34 5.64 -18.56
C PHE A 229 -15.41 5.18 -17.55
N ASP A 230 -15.44 5.81 -16.36
CA ASP A 230 -16.46 5.48 -15.35
C ASP A 230 -17.88 5.79 -15.86
N LEU A 231 -18.04 6.98 -16.50
CA LEU A 231 -19.38 7.37 -16.97
C LEU A 231 -19.87 6.39 -18.04
N ILE A 232 -18.96 5.92 -18.90
CA ILE A 232 -19.37 4.93 -19.92
C ILE A 232 -19.81 3.61 -19.26
N GLY A 233 -19.18 3.23 -18.16
CA GLY A 233 -19.62 2.03 -17.44
C GLY A 233 -21.02 2.25 -16.83
N ASP A 234 -21.22 3.38 -16.16
CA ASP A 234 -22.53 3.66 -15.54
C ASP A 234 -23.63 3.80 -16.58
N LEU A 235 -23.33 4.34 -17.78
CA LEU A 235 -24.34 4.46 -18.84
C LEU A 235 -24.84 3.08 -19.30
N TYR A 236 -23.99 2.04 -19.21
CA TYR A 236 -24.42 0.70 -19.59
C TYR A 236 -25.55 0.18 -18.68
N LEU A 237 -25.82 0.84 -17.54
CA LEU A 237 -26.92 0.46 -16.67
C LEU A 237 -28.27 0.77 -17.30
N LEU A 238 -28.26 1.46 -18.47
CA LEU A 238 -29.49 1.67 -19.24
C LEU A 238 -29.93 0.33 -19.86
N GLY A 239 -29.05 -0.69 -19.81
CA GLY A 239 -29.35 -2.05 -20.24
C GLY A 239 -29.15 -2.40 -21.70
N SER A 240 -28.63 -1.44 -22.49
CA SER A 240 -28.32 -1.60 -23.91
C SER A 240 -27.16 -0.64 -24.22
N PRO A 241 -26.33 -0.91 -25.25
CA PRO A 241 -25.30 0.07 -25.64
C PRO A 241 -26.00 1.38 -26.01
N VAL A 242 -25.35 2.50 -25.70
CA VAL A 242 -25.98 3.81 -25.75
C VAL A 242 -25.47 4.68 -26.90
N LYS A 243 -26.40 5.47 -27.53
CA LYS A 243 -26.06 6.46 -28.53
C LYS A 243 -26.55 7.78 -27.98
N GLY A 244 -25.63 8.70 -27.75
CA GLY A 244 -25.94 10.03 -27.25
C GLY A 244 -24.67 10.81 -26.99
N LYS A 245 -24.79 12.13 -26.86
CA LYS A 245 -23.65 13.04 -26.59
C LYS A 245 -23.82 13.49 -25.14
N PHE A 246 -22.78 13.24 -24.31
CA PHE A 246 -22.84 13.51 -22.89
C PHE A 246 -21.75 14.48 -22.48
N TYR A 247 -22.09 15.35 -21.51
CA TYR A 247 -21.13 16.30 -20.94
C TYR A 247 -21.31 16.26 -19.44
N SER A 248 -20.27 15.88 -18.70
CA SER A 248 -20.30 15.82 -17.24
C SER A 248 -19.35 16.85 -16.68
N PHE A 249 -19.86 17.72 -15.80
CA PHE A 249 -19.02 18.69 -15.11
C PHE A 249 -18.96 18.25 -13.64
N ARG A 250 -17.80 17.74 -13.22
CA ARG A 250 -17.58 17.29 -11.83
C ARG A 250 -18.48 16.09 -11.42
N GLY A 251 -18.99 15.33 -12.39
CA GLY A 251 -19.85 14.20 -12.06
C GLY A 251 -19.12 13.04 -11.42
N GLY A 252 -19.87 12.14 -10.83
CA GLY A 252 -19.36 10.94 -10.20
C GLY A 252 -20.41 9.85 -10.31
N HIS A 253 -20.13 8.67 -9.74
CA HIS A 253 -21.11 7.56 -9.86
C HIS A 253 -22.52 7.94 -9.43
N SER A 254 -22.68 8.68 -8.31
CA SER A 254 -24.05 9.04 -7.87
C SER A 254 -24.81 9.84 -8.89
N LEU A 255 -24.16 10.88 -9.46
CA LEU A 255 -24.85 11.70 -10.46
C LEU A 255 -25.05 10.91 -11.77
N ASN A 256 -24.09 10.04 -12.12
CA ASN A 256 -24.21 9.22 -13.36
C ASN A 256 -25.46 8.34 -13.26
N VAL A 257 -25.65 7.69 -12.10
CA VAL A 257 -26.81 6.82 -11.86
C VAL A 257 -28.12 7.65 -11.85
N LYS A 258 -28.07 8.86 -11.26
CA LYS A 258 -29.20 9.78 -11.29
C LYS A 258 -29.61 10.07 -12.75
N LEU A 259 -28.63 10.38 -13.61
CA LEU A 259 -28.91 10.64 -15.03
C LEU A 259 -29.52 9.41 -15.71
N VAL A 260 -28.92 8.23 -15.49
CA VAL A 260 -29.40 6.98 -16.06
C VAL A 260 -30.88 6.74 -15.68
N LYS A 261 -31.23 6.95 -14.38
CA LYS A 261 -32.61 6.71 -13.94
C LYS A 261 -33.59 7.71 -14.56
N GLU A 262 -33.16 8.97 -14.75
CA GLU A 262 -34.01 9.99 -15.37
C GLU A 262 -34.22 9.68 -16.86
N LEU A 263 -33.16 9.23 -17.56
CA LEU A 263 -33.26 8.86 -18.97
C LEU A 263 -34.18 7.66 -19.14
N ALA A 264 -34.05 6.65 -18.25
CA ALA A 264 -34.87 5.44 -18.35
C ALA A 264 -36.34 5.73 -18.14
N LYS A 265 -36.65 6.58 -17.15
CA LYS A 265 -38.01 6.99 -16.79
C LYS A 265 -38.68 7.71 -17.97
N LYS A 266 -37.96 8.66 -18.58
CA LYS A 266 -38.44 9.45 -19.72
C LYS A 266 -38.78 8.61 -20.95
N GLN A 267 -37.94 7.63 -21.29
CA GLN A 267 -38.12 6.82 -22.49
C GLN A 267 -38.86 5.48 -22.23
N GLY B 2 24.49 -11.21 33.40
CA GLY B 2 23.69 -12.31 32.87
C GLY B 2 24.51 -13.33 32.10
N LEU B 3 23.92 -14.48 31.85
CA LEU B 3 24.61 -15.54 31.12
C LEU B 3 24.45 -15.35 29.63
N GLU B 4 25.42 -15.83 28.84
CA GLU B 4 25.30 -15.86 27.38
C GLU B 4 24.06 -16.68 27.05
N LYS B 5 23.40 -16.37 25.93
CA LYS B 5 22.17 -17.04 25.56
C LYS B 5 22.11 -17.32 24.06
N THR B 6 21.38 -18.37 23.72
CA THR B 6 21.06 -18.76 22.35
C THR B 6 19.57 -19.08 22.32
N VAL B 7 19.08 -19.65 21.20
CA VAL B 7 17.68 -20.08 21.08
C VAL B 7 17.62 -21.60 21.33
N LYS B 8 16.50 -22.08 21.91
CA LYS B 8 16.26 -23.50 22.23
C LYS B 8 16.12 -24.31 20.93
N GLU B 9 15.49 -23.69 19.91
CA GLU B 9 15.25 -24.32 18.62
C GLU B 9 15.31 -23.25 17.56
N LYS B 10 15.46 -23.65 16.28
CA LYS B 10 15.51 -22.67 15.19
C LYS B 10 14.17 -21.95 15.06
N LEU B 11 14.21 -20.65 14.74
CA LEU B 11 13.01 -19.82 14.63
C LEU B 11 13.01 -19.14 13.26
N SER B 12 11.88 -19.18 12.53
CA SER B 12 11.79 -18.59 11.19
C SER B 12 10.79 -17.45 11.16
N PHE B 13 11.05 -16.44 10.30
CA PHE B 13 10.14 -15.31 10.06
C PHE B 13 10.20 -15.01 8.57
N GLU B 14 9.05 -14.72 7.95
CA GLU B 14 9.07 -14.42 6.53
C GLU B 14 8.12 -13.30 6.20
N GLY B 15 8.43 -12.59 5.14
CA GLY B 15 7.57 -11.50 4.69
C GLY B 15 8.26 -10.73 3.60
N VAL B 16 7.86 -9.50 3.42
CA VAL B 16 8.41 -8.61 2.39
C VAL B 16 9.48 -7.73 3.05
N GLY B 17 10.47 -7.30 2.27
CA GLY B 17 11.43 -6.31 2.70
C GLY B 17 10.79 -4.94 2.48
N ILE B 18 10.87 -4.03 3.47
CA ILE B 18 10.25 -2.71 3.30
C ILE B 18 10.87 -1.93 2.14
N HIS B 19 12.18 -2.11 1.94
CA HIS B 19 12.85 -1.35 0.87
C HIS B 19 12.90 -2.07 -0.45
N THR B 20 13.16 -3.38 -0.43
CA THR B 20 13.27 -4.14 -1.68
C THR B 20 11.92 -4.46 -2.29
N GLY B 21 10.91 -4.63 -1.43
CA GLY B 21 9.60 -5.07 -1.87
C GLY B 21 9.58 -6.53 -2.31
N GLU B 22 10.66 -7.28 -2.03
CA GLU B 22 10.78 -8.69 -2.40
C GLU B 22 10.56 -9.59 -1.17
N TYR B 23 10.20 -10.85 -1.42
CA TYR B 23 10.06 -11.89 -0.40
C TYR B 23 11.39 -12.05 0.32
N SER B 24 11.34 -12.15 1.63
CA SER B 24 12.53 -12.49 2.37
C SER B 24 12.19 -13.33 3.58
N LYS B 25 13.15 -14.09 4.03
CA LYS B 25 12.95 -14.97 5.17
C LYS B 25 14.22 -15.08 5.99
N LEU B 26 14.08 -15.15 7.33
CA LEU B 26 15.23 -15.35 8.25
C LEU B 26 15.03 -16.67 8.96
N ILE B 27 16.16 -17.37 9.24
CA ILE B 27 16.13 -18.56 10.10
C ILE B 27 17.19 -18.36 11.12
N ILE B 28 16.80 -18.28 12.39
CA ILE B 28 17.74 -18.07 13.48
C ILE B 28 18.11 -19.45 14.02
N HIS B 29 19.38 -19.78 13.93
CA HIS B 29 19.87 -21.08 14.40
C HIS B 29 20.69 -20.91 15.66
N PRO B 30 20.61 -21.88 16.60
CA PRO B 30 21.47 -21.79 17.81
C PRO B 30 22.94 -21.97 17.53
N GLU B 31 23.79 -21.43 18.41
CA GLU B 31 25.24 -21.54 18.29
C GLU B 31 25.84 -21.66 19.70
N LYS B 32 27.03 -22.25 19.78
CA LYS B 32 27.70 -22.41 21.08
C LYS B 32 28.24 -21.07 21.64
N GLU B 33 28.63 -21.07 22.92
CA GLU B 33 29.21 -19.93 23.62
C GLU B 33 30.37 -19.33 22.84
N GLY B 34 30.48 -18.00 22.85
CA GLY B 34 31.56 -17.29 22.18
C GLY B 34 31.47 -17.11 20.68
N THR B 35 30.38 -17.60 20.04
CA THR B 35 30.19 -17.47 18.58
C THR B 35 29.87 -16.02 18.18
N GLY B 36 29.00 -15.38 18.94
CA GLY B 36 28.53 -14.03 18.64
C GLY B 36 27.35 -14.10 17.69
N ILE B 37 26.88 -12.93 17.21
CA ILE B 37 25.75 -12.81 16.28
C ILE B 37 26.32 -12.66 14.89
N ARG B 38 25.92 -13.53 13.96
CA ARG B 38 26.34 -13.42 12.58
C ARG B 38 25.19 -13.76 11.66
N PHE B 39 25.16 -13.10 10.53
CA PHE B 39 24.19 -13.44 9.48
C PHE B 39 24.87 -14.37 8.50
N PHE B 40 24.08 -15.12 7.72
CA PHE B 40 24.60 -16.00 6.67
C PHE B 40 23.79 -15.75 5.44
N LYS B 41 24.47 -15.45 4.33
CA LYS B 41 23.78 -15.17 3.08
C LYS B 41 24.62 -15.70 1.93
N ASN B 42 24.03 -16.51 1.04
CA ASN B 42 24.71 -16.99 -0.15
C ASN B 42 26.15 -17.49 0.11
N GLY B 43 26.33 -18.23 1.20
CA GLY B 43 27.61 -18.82 1.55
C GLY B 43 28.59 -17.97 2.33
N VAL B 44 28.21 -16.72 2.69
CA VAL B 44 29.12 -15.81 3.39
C VAL B 44 28.58 -15.48 4.77
N TYR B 45 29.45 -15.47 5.78
CA TYR B 45 29.06 -15.06 7.14
C TYR B 45 29.36 -13.58 7.28
N ILE B 46 28.34 -12.82 7.72
CA ILE B 46 28.47 -11.38 7.93
C ILE B 46 28.24 -11.14 9.41
N PRO B 47 29.30 -10.83 10.17
CA PRO B 47 29.10 -10.57 11.60
C PRO B 47 28.21 -9.33 11.82
N ALA B 48 27.43 -9.36 12.91
CA ALA B 48 26.57 -8.21 13.23
C ALA B 48 27.42 -7.20 13.99
N ARG B 49 28.37 -6.55 13.27
CA ARG B 49 29.33 -5.64 13.85
C ARG B 49 29.49 -4.41 13.00
N HIS B 50 29.86 -3.27 13.64
CA HIS B 50 29.98 -1.98 12.94
C HIS B 50 30.97 -2.00 11.74
N GLU B 51 32.03 -2.86 11.79
CA GLU B 51 33.01 -2.92 10.68
C GLU B 51 32.35 -3.31 9.35
N PHE B 52 31.17 -3.98 9.41
CA PHE B 52 30.46 -4.49 8.24
C PHE B 52 29.32 -3.58 7.78
N VAL B 53 29.14 -2.39 8.40
CA VAL B 53 28.11 -1.47 7.92
C VAL B 53 28.52 -0.89 6.57
N VAL B 54 27.60 -0.94 5.60
CA VAL B 54 27.87 -0.45 4.24
C VAL B 54 26.98 0.73 3.83
N HIS B 55 25.83 0.90 4.51
CA HIS B 55 24.85 1.94 4.17
C HIS B 55 24.02 2.26 5.40
N THR B 56 23.68 3.55 5.62
CA THR B 56 22.84 3.94 6.78
C THR B 56 21.74 4.96 6.46
N ASN B 57 21.49 5.12 5.15
N ASN B 57 21.50 5.40 5.24
CA ASN B 57 20.48 5.95 4.55
CA ASN B 57 20.57 6.55 5.05
C ASN B 57 19.22 5.13 4.37
C ASN B 57 19.06 6.44 5.55
N HIS B 58 18.41 5.31 5.30
CA HIS B 58 17.02 4.85 5.47
C HIS B 58 16.93 3.45 6.06
N SER B 59 18.08 2.88 6.46
CA SER B 59 18.16 1.55 7.12
C SER B 59 19.60 1.32 7.50
N THR B 60 19.85 0.32 8.37
CA THR B 60 21.22 -0.04 8.70
C THR B 60 21.49 -1.29 7.92
N ASP B 61 22.48 -1.24 6.99
CA ASP B 61 22.75 -2.37 6.12
C ASP B 61 24.16 -2.87 6.31
N LEU B 62 24.33 -4.21 6.25
CA LEU B 62 25.64 -4.82 6.42
C LEU B 62 26.09 -5.52 5.13
N GLY B 63 27.39 -5.69 4.97
CA GLY B 63 27.89 -6.41 3.80
C GLY B 63 29.27 -6.97 4.04
N PHE B 64 29.59 -8.08 3.37
CA PHE B 64 30.94 -8.64 3.40
C PHE B 64 31.10 -9.49 2.16
N LYS B 65 32.30 -9.43 1.55
CA LYS B 65 32.65 -10.24 0.39
C LYS B 65 31.59 -10.26 -0.72
N GLY B 66 30.99 -9.10 -0.98
CA GLY B 66 30.03 -9.00 -2.08
C GLY B 66 28.61 -9.42 -1.76
N GLN B 67 28.34 -9.74 -0.48
CA GLN B 67 27.00 -10.12 -0.02
C GLN B 67 26.50 -9.04 0.93
N ARG B 68 25.29 -8.55 0.68
CA ARG B 68 24.71 -7.47 1.49
CA ARG B 68 24.70 -7.47 1.47
C ARG B 68 23.34 -7.84 2.07
N ILE B 69 23.06 -7.32 3.28
CA ILE B 69 21.74 -7.53 3.92
C ILE B 69 21.25 -6.18 4.42
N LYS B 70 20.07 -5.76 3.93
CA LYS B 70 19.46 -4.51 4.33
C LYS B 70 18.57 -4.69 5.56
N THR B 71 18.46 -3.60 6.31
CA THR B 71 17.50 -3.38 7.40
C THR B 71 17.66 -4.36 8.56
N VAL B 72 18.84 -4.36 9.16
CA VAL B 72 19.09 -5.26 10.31
C VAL B 72 18.68 -4.67 11.65
N GLU B 73 18.29 -3.37 11.68
CA GLU B 73 18.08 -2.68 12.94
C GLU B 73 17.07 -3.32 13.90
N HIS B 74 15.97 -3.88 13.37
CA HIS B 74 14.90 -4.39 14.24
C HIS B 74 15.19 -5.74 14.82
N ILE B 75 15.73 -6.66 14.01
CA ILE B 75 16.08 -7.96 14.56
C ILE B 75 17.23 -7.78 15.57
N LEU B 76 18.21 -6.92 15.26
CA LEU B 76 19.32 -6.71 16.20
C LEU B 76 18.85 -6.07 17.51
N SER B 77 17.87 -5.13 17.44
CA SER B 77 17.37 -4.50 18.66
C SER B 77 16.71 -5.55 19.56
N VAL B 78 15.90 -6.45 18.96
CA VAL B 78 15.25 -7.49 19.75
C VAL B 78 16.29 -8.43 20.38
N LEU B 79 17.31 -8.85 19.59
CA LEU B 79 18.36 -9.71 20.17
C LEU B 79 19.08 -8.99 21.31
N HIS B 80 19.34 -7.68 21.17
CA HIS B 80 20.01 -6.89 22.20
C HIS B 80 19.19 -6.87 23.48
N LEU B 81 17.88 -6.56 23.33
CA LEU B 81 16.95 -6.44 24.47
C LEU B 81 16.82 -7.74 25.24
N LEU B 82 16.85 -8.88 24.52
CA LEU B 82 16.71 -10.21 25.15
C LEU B 82 18.06 -10.82 25.51
N GLU B 83 19.14 -10.10 25.24
CA GLU B 83 20.52 -10.54 25.48
C GLU B 83 20.88 -11.87 24.81
N ILE B 84 20.35 -12.11 23.59
CA ILE B 84 20.72 -13.28 22.79
C ILE B 84 22.08 -12.96 22.24
N THR B 85 23.09 -13.79 22.58
CA THR B 85 24.47 -13.50 22.21
C THR B 85 25.07 -14.42 21.17
N ASN B 86 24.53 -15.63 20.99
CA ASN B 86 25.15 -16.59 20.04
C ASN B 86 24.12 -17.19 19.12
N VAL B 87 24.04 -16.72 17.86
CA VAL B 87 23.09 -17.26 16.88
C VAL B 87 23.63 -17.06 15.49
N THR B 88 23.17 -17.88 14.53
CA THR B 88 23.45 -17.66 13.11
C THR B 88 22.11 -17.32 12.50
N ILE B 89 22.02 -16.18 11.82
CA ILE B 89 20.76 -15.78 11.19
C ILE B 89 20.92 -15.99 9.68
N GLU B 90 20.34 -17.07 9.16
CA GLU B 90 20.34 -17.34 7.74
C GLU B 90 19.34 -16.42 7.09
N VAL B 91 19.74 -15.79 5.98
CA VAL B 91 18.86 -14.85 5.28
C VAL B 91 18.64 -15.30 3.86
N ILE B 92 17.34 -15.41 3.48
CA ILE B 92 16.90 -15.69 2.12
C ILE B 92 16.37 -14.34 1.64
N GLY B 93 16.97 -13.83 0.58
CA GLY B 93 16.64 -12.50 0.09
C GLY B 93 17.72 -11.50 0.47
N ASN B 94 17.49 -10.25 0.16
CA ASN B 94 18.49 -9.20 0.34
C ASN B 94 18.21 -8.26 1.50
N GLU B 95 17.16 -8.55 2.27
CA GLU B 95 16.72 -7.66 3.34
C GLU B 95 16.00 -8.48 4.40
N ILE B 96 16.07 -8.01 5.64
CA ILE B 96 15.30 -8.69 6.71
C ILE B 96 13.83 -8.35 6.50
N PRO B 97 12.91 -9.31 6.65
CA PRO B 97 11.47 -8.97 6.49
C PRO B 97 11.03 -7.93 7.51
N ILE B 98 10.23 -6.97 7.06
CA ILE B 98 9.77 -5.87 7.94
C ILE B 98 8.63 -6.26 8.89
N LEU B 99 7.82 -7.25 8.50
CA LEU B 99 6.66 -7.69 9.29
C LEU B 99 5.73 -6.48 9.51
N ASP B 100 5.36 -6.14 10.75
CA ASP B 100 4.45 -4.99 10.92
C ASP B 100 5.18 -3.66 11.15
N GLY B 101 6.50 -3.66 10.96
CA GLY B 101 7.31 -2.47 11.15
C GLY B 101 7.87 -2.28 12.56
N SER B 102 7.55 -3.24 13.48
CA SER B 102 8.04 -3.17 14.86
C SER B 102 8.85 -4.45 15.17
N GLY B 103 9.24 -4.59 16.43
CA GLY B 103 9.95 -5.81 16.80
C GLY B 103 9.05 -6.83 17.46
N TRP B 104 7.74 -6.59 17.49
CA TRP B 104 6.79 -7.45 18.24
C TRP B 104 6.86 -8.96 17.93
N GLU B 105 6.76 -9.31 16.64
CA GLU B 105 6.77 -10.72 16.26
C GLU B 105 8.09 -11.41 16.61
N PHE B 106 9.26 -10.75 16.37
CA PHE B 106 10.54 -11.30 16.74
C PHE B 106 10.62 -11.46 18.25
N TYR B 107 10.20 -10.40 18.98
CA TYR B 107 10.29 -10.42 20.44
C TYR B 107 9.48 -11.54 21.07
N GLU B 108 8.21 -11.65 20.70
CA GLU B 108 7.30 -12.66 21.29
C GLU B 108 7.84 -14.08 21.04
N ALA B 109 8.30 -14.35 19.80
CA ALA B 109 8.82 -15.68 19.46
C ALA B 109 10.13 -16.00 20.13
N ILE B 110 11.09 -15.05 20.11
CA ILE B 110 12.40 -15.29 20.69
C ILE B 110 12.33 -15.42 22.23
N ARG B 111 11.54 -14.56 22.89
CA ARG B 111 11.43 -14.53 24.36
C ARG B 111 11.01 -15.89 24.94
N LYS B 112 10.17 -16.63 24.20
CA LYS B 112 9.62 -17.94 24.60
C LYS B 112 10.59 -19.09 24.30
N ASN B 113 11.70 -18.80 23.61
CA ASN B 113 12.64 -19.82 23.14
C ASN B 113 14.08 -19.52 23.51
N ILE B 114 14.31 -18.94 24.69
CA ILE B 114 15.67 -18.63 25.14
C ILE B 114 16.32 -19.86 25.78
N LEU B 115 17.61 -20.08 25.47
CA LEU B 115 18.40 -21.15 26.08
C LEU B 115 19.60 -20.51 26.74
N ASN B 116 19.68 -20.60 28.09
CA ASN B 116 20.82 -20.04 28.81
C ASN B 116 22.04 -20.93 28.60
N GLN B 117 23.20 -20.31 28.48
CA GLN B 117 24.45 -21.02 28.23
C GLN B 117 25.41 -20.97 29.44
N ASN B 118 26.59 -21.61 29.35
CA ASN B 118 27.55 -21.74 30.45
C ASN B 118 28.74 -20.78 30.34
N ARG B 119 28.46 -19.47 30.34
CA ARG B 119 29.44 -18.39 30.25
C ARG B 119 28.75 -17.08 30.59
N GLU B 120 29.40 -16.23 31.37
CA GLU B 120 28.89 -14.91 31.72
C GLU B 120 29.09 -13.99 30.52
N ILE B 121 28.19 -13.02 30.30
CA ILE B 121 28.33 -12.04 29.22
C ILE B 121 29.44 -11.05 29.55
N ASP B 122 30.29 -10.74 28.57
CA ASP B 122 31.31 -9.71 28.67
C ASP B 122 30.62 -8.49 27.99
N TYR B 123 30.00 -7.62 28.79
CA TYR B 123 29.28 -6.44 28.29
C TYR B 123 30.18 -5.36 27.75
N PHE B 124 29.71 -4.60 26.74
CA PHE B 124 30.43 -3.41 26.30
C PHE B 124 29.98 -2.34 27.29
N VAL B 125 30.90 -1.89 28.14
CA VAL B 125 30.59 -0.91 29.18
C VAL B 125 31.13 0.45 28.76
N VAL B 126 30.24 1.48 28.61
CA VAL B 126 30.70 2.83 28.27
C VAL B 126 31.50 3.33 29.50
N GLU B 127 32.77 3.69 29.28
CA GLU B 127 33.70 4.05 30.36
C GLU B 127 33.77 5.53 30.67
N GLU B 128 33.52 6.37 29.68
CA GLU B 128 33.53 7.82 29.87
C GLU B 128 32.52 8.54 28.97
N PRO B 129 32.19 9.82 29.26
CA PRO B 129 31.23 10.53 28.40
C PRO B 129 31.76 10.79 27.00
N ILE B 130 30.85 10.82 26.04
CA ILE B 130 31.18 11.09 24.63
C ILE B 130 29.97 11.76 24.00
N ILE B 131 30.22 12.64 23.04
CA ILE B 131 29.19 13.34 22.29
C ILE B 131 29.56 13.28 20.81
N VAL B 132 28.60 12.88 19.97
CA VAL B 132 28.75 12.91 18.52
C VAL B 132 27.67 13.84 17.99
N GLU B 133 27.99 14.62 16.96
CA GLU B 133 27.07 15.60 16.37
C GLU B 133 27.13 15.59 14.86
N ASP B 134 26.02 16.00 14.23
CA ASP B 134 25.89 16.17 12.79
C ASP B 134 24.72 17.10 12.51
N GLU B 135 25.01 18.31 12.03
CA GLU B 135 24.07 19.39 11.68
C GLU B 135 22.76 19.36 12.47
N GLY B 136 22.81 19.88 13.70
CA GLY B 136 21.67 19.94 14.59
C GLY B 136 21.36 18.70 15.40
N ARG B 137 21.78 17.52 14.91
CA ARG B 137 21.54 16.24 15.60
C ARG B 137 22.65 15.95 16.57
N LEU B 138 22.34 15.29 17.69
CA LEU B 138 23.35 15.00 18.69
C LEU B 138 23.09 13.71 19.42
N ILE B 139 24.14 12.96 19.77
CA ILE B 139 24.00 11.80 20.65
C ILE B 139 25.07 11.84 21.71
N LYS B 140 24.67 11.63 22.96
CA LYS B 140 25.58 11.63 24.11
C LYS B 140 25.49 10.28 24.79
N ALA B 141 26.65 9.72 25.16
CA ALA B 141 26.70 8.46 25.87
C ALA B 141 27.51 8.70 27.14
N GLU B 142 27.14 8.04 28.23
CA GLU B 142 27.86 8.17 29.49
C GLU B 142 27.81 6.87 30.28
N PRO B 143 28.68 6.68 31.29
CA PRO B 143 28.62 5.40 32.02
C PRO B 143 27.33 5.18 32.78
N SER B 144 26.91 3.91 32.84
CA SER B 144 25.73 3.47 33.56
C SER B 144 25.80 1.97 33.77
N ASP B 145 25.32 1.48 34.91
CA ASP B 145 25.28 0.05 35.22
C ASP B 145 24.18 -0.66 34.45
N THR B 146 23.20 0.12 33.96
CA THR B 146 22.06 -0.40 33.21
C THR B 146 21.98 0.31 31.87
N LEU B 147 21.30 -0.31 30.90
CA LEU B 147 21.11 0.32 29.59
C LEU B 147 19.92 1.26 29.75
N GLU B 148 20.14 2.54 29.50
CA GLU B 148 19.10 3.56 29.55
C GLU B 148 19.22 4.35 28.26
N VAL B 149 18.10 4.56 27.56
CA VAL B 149 18.17 5.24 26.26
C VAL B 149 17.05 6.22 26.17
N THR B 150 17.39 7.48 25.97
CA THR B 150 16.39 8.54 25.75
C THR B 150 16.48 9.06 24.33
N TYR B 151 15.31 9.25 23.67
CA TYR B 151 15.32 9.88 22.37
C TYR B 151 14.41 11.09 22.48
N GLU B 152 14.87 12.22 21.97
CA GLU B 152 14.06 13.44 21.94
C GLU B 152 13.98 13.85 20.48
N GLY B 153 12.77 13.91 19.94
CA GLY B 153 12.53 14.32 18.57
C GLY B 153 12.02 15.75 18.52
N GLU B 154 12.23 16.39 17.38
CA GLU B 154 11.77 17.74 17.10
C GLU B 154 11.27 17.65 15.66
N PHE B 155 9.96 17.48 15.51
CA PHE B 155 9.32 17.23 14.22
C PHE B 155 8.63 18.46 13.68
N LYS B 156 8.61 18.60 12.34
CA LYS B 156 7.98 19.75 11.69
C LYS B 156 6.45 19.62 11.60
N ASN B 157 5.89 18.45 11.96
CA ASN B 157 4.46 18.23 11.92
C ASN B 157 3.85 18.31 13.33
N PHE B 158 2.61 17.80 13.49
CA PHE B 158 1.89 17.80 14.76
C PHE B 158 2.66 17.18 15.94
N LEU B 159 3.59 16.24 15.67
CA LEU B 159 4.35 15.59 16.75
C LEU B 159 5.13 16.60 17.61
N GLY B 160 5.60 17.70 17.01
CA GLY B 160 6.36 18.73 17.72
C GLY B 160 7.57 18.17 18.42
N ARG B 161 7.81 18.62 19.67
CA ARG B 161 8.98 18.17 20.44
C ARG B 161 8.52 17.22 21.52
N GLN B 162 9.03 15.97 21.49
CA GLN B 162 8.60 14.93 22.41
C GLN B 162 9.80 14.09 22.77
N LYS B 163 9.76 13.46 23.94
CA LYS B 163 10.85 12.55 24.29
C LYS B 163 10.34 11.29 24.97
N PHE B 164 11.17 10.23 24.97
CA PHE B 164 10.79 9.00 25.61
C PHE B 164 12.05 8.34 26.13
N THR B 165 11.99 7.75 27.32
CA THR B 165 13.11 7.05 27.96
C THR B 165 12.80 5.58 28.17
N PHE B 166 13.70 4.71 27.64
CA PHE B 166 13.67 3.28 27.90
C PHE B 166 14.65 3.03 29.04
N VAL B 167 14.27 2.18 29.96
CA VAL B 167 15.16 1.63 31.00
C VAL B 167 14.98 0.10 31.00
N GLU B 168 16.02 -0.68 31.41
CA GLU B 168 15.90 -2.14 31.51
C GLU B 168 14.67 -2.56 32.25
N GLY B 169 13.97 -3.55 31.71
CA GLY B 169 12.73 -4.03 32.28
C GLY B 169 11.50 -3.48 31.59
N ASN B 170 11.67 -2.42 30.77
CA ASN B 170 10.52 -1.81 30.08
C ASN B 170 10.55 -2.15 28.57
N GLU B 171 11.08 -3.32 28.21
CA GLU B 171 11.19 -3.71 26.78
C GLU B 171 9.84 -3.73 26.07
N GLU B 172 8.76 -4.12 26.80
CA GLU B 172 7.42 -4.19 26.23
C GLU B 172 6.89 -2.81 25.81
N GLU B 173 7.52 -1.74 26.28
CA GLU B 173 7.12 -0.37 25.93
C GLU B 173 7.67 0.08 24.61
N ILE B 174 8.68 -0.63 24.07
CA ILE B 174 9.23 -0.16 22.77
C ILE B 174 9.12 -1.18 21.66
N VAL B 175 8.96 -2.46 21.98
CA VAL B 175 8.95 -3.49 20.91
C VAL B 175 7.71 -3.46 20.00
N LEU B 176 6.61 -2.77 20.38
CA LEU B 176 5.44 -2.67 19.50
C LEU B 176 5.49 -1.39 18.67
N ALA B 177 6.44 -0.46 18.94
CA ALA B 177 6.48 0.82 18.22
C ALA B 177 6.97 0.62 16.81
N ARG B 178 6.17 1.10 15.84
CA ARG B 178 6.48 0.87 14.42
C ARG B 178 7.29 1.95 13.76
N THR B 179 8.01 1.54 12.67
CA THR B 179 8.70 2.50 11.80
C THR B 179 7.67 3.46 11.20
N PHE B 180 8.12 4.66 10.86
CA PHE B 180 7.23 5.70 10.36
C PHE B 180 7.91 6.53 9.32
N CYS B 181 7.12 7.22 8.47
CA CYS B 181 7.72 8.21 7.55
C CYS B 181 6.68 9.27 7.36
N PHE B 182 7.08 10.39 6.76
CA PHE B 182 6.18 11.51 6.49
C PHE B 182 5.76 11.47 5.03
N ASP B 183 4.51 11.88 4.74
CA ASP B 183 3.99 11.81 3.38
C ASP B 183 4.90 12.59 2.40
N TRP B 184 5.52 13.69 2.87
CA TRP B 184 6.43 14.47 2.01
C TRP B 184 7.77 13.77 1.71
N GLU B 185 8.08 12.66 2.43
CA GLU B 185 9.35 11.97 2.20
C GLU B 185 9.23 10.86 1.18
N ILE B 186 8.00 10.45 0.83
CA ILE B 186 7.77 9.30 -0.03
C ILE B 186 8.41 9.49 -1.40
N GLU B 187 8.35 10.70 -1.95
CA GLU B 187 8.92 10.97 -3.27
C GLU B 187 10.39 10.61 -3.30
N HIS B 188 11.15 11.15 -2.31
CA HIS B 188 12.58 10.89 -2.22
C HIS B 188 12.88 9.41 -2.05
N ILE B 189 12.20 8.74 -1.10
CA ILE B 189 12.48 7.33 -0.81
C ILE B 189 12.27 6.45 -2.04
N LYS B 190 11.16 6.66 -2.77
CA LYS B 190 10.90 5.87 -3.96
C LYS B 190 11.92 6.20 -5.07
N LYS B 191 12.30 7.48 -5.21
CA LYS B 191 13.24 7.95 -6.26
C LYS B 191 14.64 7.35 -6.09
N VAL B 192 15.05 7.09 -4.85
CA VAL B 192 16.40 6.50 -4.63
C VAL B 192 16.35 4.93 -4.68
N GLY B 193 15.25 4.35 -5.17
CA GLY B 193 15.12 2.91 -5.31
C GLY B 193 14.86 2.16 -4.01
N LEU B 194 14.20 2.86 -3.06
CA LEU B 194 13.89 2.30 -1.74
C LEU B 194 12.37 2.33 -1.49
N GLY B 195 11.94 1.89 -0.30
CA GLY B 195 10.52 1.86 0.07
C GLY B 195 9.60 1.03 -0.82
N LYS B 196 10.15 0.09 -1.60
CA LYS B 196 9.34 -0.67 -2.57
C LYS B 196 8.30 -1.59 -1.92
N GLY B 197 8.54 -1.98 -0.67
CA GLY B 197 7.62 -2.85 0.06
C GLY B 197 6.77 -2.12 1.09
N GLY B 198 6.87 -0.80 1.12
CA GLY B 198 6.14 0.00 2.12
C GLY B 198 4.64 0.00 1.90
N SER B 199 3.89 -0.13 3.01
CA SER B 199 2.42 -0.07 2.95
C SER B 199 1.91 0.43 4.30
N LEU B 200 0.60 0.67 4.41
CA LEU B 200 0.05 1.05 5.72
C LEU B 200 0.02 -0.15 6.71
N LYS B 201 0.36 -1.37 6.25
CA LYS B 201 0.43 -2.55 7.13
C LYS B 201 1.81 -2.64 7.78
N ASN B 202 2.84 -1.95 7.24
CA ASN B 202 4.16 -2.08 7.85
C ASN B 202 4.87 -0.75 8.18
N THR B 203 4.22 0.39 7.91
CA THR B 203 4.80 1.68 8.21
C THR B 203 3.68 2.60 8.65
N LEU B 204 3.96 3.46 9.64
CA LEU B 204 3.05 4.54 9.99
C LEU B 204 3.35 5.64 8.98
N VAL B 205 2.31 6.20 8.31
CA VAL B 205 2.57 7.30 7.38
C VAL B 205 1.88 8.50 7.97
N LEU B 206 2.64 9.55 8.23
CA LEU B 206 2.16 10.77 8.89
C LEU B 206 2.21 11.97 7.97
N GLY B 207 1.22 12.83 8.09
CA GLY B 207 1.19 14.08 7.35
C GLY B 207 1.44 15.22 8.32
N LYS B 208 1.31 16.45 7.83
CA LYS B 208 1.50 17.65 8.65
C LYS B 208 0.56 17.63 9.91
N ASP B 209 -0.70 17.20 9.74
CA ASP B 209 -1.66 17.19 10.83
C ASP B 209 -2.40 15.85 10.98
N LYS B 210 -2.00 14.82 10.21
CA LYS B 210 -2.73 13.55 10.26
C LYS B 210 -1.90 12.28 10.31
N VAL B 211 -2.61 11.16 10.59
CA VAL B 211 -2.08 9.81 10.60
C VAL B 211 -2.90 9.08 9.54
N TYR B 212 -2.26 8.60 8.45
CA TYR B 212 -3.01 7.91 7.40
C TYR B 212 -3.52 6.54 7.80
N ASN B 213 -2.75 5.79 8.60
CA ASN B 213 -3.10 4.43 9.01
C ASN B 213 -4.44 4.44 9.73
N PRO B 214 -5.42 3.65 9.27
CA PRO B 214 -6.75 3.68 9.91
C PRO B 214 -6.75 3.33 11.40
N GLU B 215 -5.79 2.47 11.85
CA GLU B 215 -5.61 2.03 13.23
C GLU B 215 -5.03 3.14 14.12
N GLY B 216 -4.50 4.20 13.48
CA GLY B 216 -3.88 5.33 14.17
C GLY B 216 -2.59 4.91 14.86
N LEU B 217 -2.15 5.74 15.83
CA LEU B 217 -0.94 5.45 16.61
C LEU B 217 -1.28 4.56 17.79
N ARG B 218 -0.35 3.64 18.13
CA ARG B 218 -0.45 2.73 19.28
CA ARG B 218 -0.52 2.77 19.30
C ARG B 218 -0.27 3.59 20.57
N TYR B 219 0.60 4.60 20.47
CA TYR B 219 0.96 5.52 21.54
C TYR B 219 1.08 6.88 20.92
N GLU B 220 0.72 7.96 21.65
CA GLU B 220 0.86 9.31 21.10
C GLU B 220 2.32 9.64 20.71
N ASN B 221 3.29 8.94 21.34
CA ASN B 221 4.70 9.16 21.02
C ASN B 221 5.30 7.90 20.38
N GLU B 222 4.49 7.09 19.67
CA GLU B 222 5.00 5.90 19.00
C GLU B 222 6.26 6.19 18.15
N PRO B 223 6.33 7.30 17.36
CA PRO B 223 7.55 7.57 16.57
C PRO B 223 8.83 7.67 17.43
N VAL B 224 8.80 8.40 18.58
CA VAL B 224 10.02 8.51 19.40
C VAL B 224 10.35 7.18 20.09
N ARG B 225 9.33 6.37 20.49
CA ARG B 225 9.61 5.03 21.04
C ARG B 225 10.32 4.21 19.94
N HIS B 226 9.86 4.33 18.67
CA HIS B 226 10.52 3.55 17.60
C HIS B 226 11.99 3.98 17.44
N LYS B 227 12.26 5.28 17.54
CA LYS B 227 13.64 5.75 17.39
C LYS B 227 14.54 5.19 18.52
N VAL B 228 14.00 5.06 19.75
CA VAL B 228 14.75 4.44 20.85
C VAL B 228 15.05 2.96 20.45
N PHE B 229 14.01 2.24 19.96
CA PHE B 229 14.13 0.86 19.52
C PHE B 229 15.22 0.74 18.44
N ASP B 230 15.25 1.66 17.46
CA ASP B 230 16.30 1.64 16.42
C ASP B 230 17.71 1.83 17.03
N LEU B 231 17.86 2.81 17.93
CA LEU B 231 19.19 3.06 18.54
C LEU B 231 19.68 1.81 19.29
N ILE B 232 18.76 1.13 19.98
CA ILE B 232 19.16 -0.11 20.70
C ILE B 232 19.69 -1.17 19.70
N GLY B 233 19.11 -1.24 18.51
CA GLY B 233 19.60 -2.19 17.51
C GLY B 233 20.96 -1.78 16.97
N ASP B 234 21.13 -0.48 16.65
CA ASP B 234 22.43 -0.01 16.15
C ASP B 234 23.51 -0.18 17.23
N LEU B 235 23.15 0.00 18.51
CA LEU B 235 24.15 -0.18 19.57
C LEU B 235 24.69 -1.60 19.63
N TYR B 236 23.89 -2.59 19.21
CA TYR B 236 24.35 -4.00 19.26
C TYR B 236 25.45 -4.26 18.26
N LEU B 237 25.70 -3.29 17.35
CA LEU B 237 26.81 -3.38 16.39
C LEU B 237 28.16 -3.24 17.11
N LEU B 238 28.13 -2.94 18.42
CA LEU B 238 29.36 -2.93 19.22
C LEU B 238 29.85 -4.38 19.46
N GLY B 239 29.00 -5.38 19.17
CA GLY B 239 29.38 -6.79 19.28
C GLY B 239 29.11 -7.46 20.60
N SER B 240 28.60 -6.71 21.58
CA SER B 240 28.23 -7.24 22.89
C SER B 240 27.05 -6.44 23.41
N PRO B 241 26.21 -7.02 24.33
CA PRO B 241 25.15 -6.22 24.98
C PRO B 241 25.80 -5.03 25.68
N VAL B 242 25.14 -3.87 25.64
CA VAL B 242 25.71 -2.61 26.08
C VAL B 242 25.20 -2.12 27.43
N LYS B 243 26.11 -1.55 28.26
CA LYS B 243 25.75 -0.87 29.50
C LYS B 243 26.20 0.57 29.40
N GLY B 244 25.23 1.47 29.40
CA GLY B 244 25.49 2.90 29.28
C GLY B 244 24.19 3.68 29.22
N LYS B 245 24.27 4.98 29.47
CA LYS B 245 23.10 5.89 29.44
C LYS B 245 23.28 6.76 28.21
N PHE B 246 22.27 6.73 27.31
CA PHE B 246 22.34 7.42 26.04
C PHE B 246 21.22 8.42 25.91
N TYR B 247 21.49 9.52 25.24
CA TYR B 247 20.52 10.57 24.95
C TYR B 247 20.72 10.95 23.50
N SER B 248 19.68 10.79 22.66
CA SER B 248 19.76 11.15 21.27
C SER B 248 18.77 12.27 21.00
N PHE B 249 19.25 13.37 20.41
CA PHE B 249 18.41 14.47 19.98
C PHE B 249 18.41 14.44 18.46
N ARG B 250 17.26 14.04 17.87
CA ARG B 250 17.08 13.97 16.40
C ARG B 250 18.01 12.97 15.70
N GLY B 251 18.55 12.01 16.45
CA GLY B 251 19.43 11.01 15.85
C GLY B 251 18.75 10.07 14.86
N GLY B 252 19.56 9.42 14.05
CA GLY B 252 19.09 8.45 13.08
C GLY B 252 20.16 7.40 12.91
N HIS B 253 19.92 6.43 12.02
CA HIS B 253 20.91 5.36 11.83
C HIS B 253 22.34 5.88 11.51
N SER B 254 22.49 6.91 10.68
CA SER B 254 23.84 7.40 10.35
C SER B 254 24.59 7.88 11.60
N LEU B 255 23.92 8.71 12.46
CA LEU B 255 24.56 9.22 13.66
C LEU B 255 24.76 8.10 14.69
N ASN B 256 23.82 7.13 14.75
CA ASN B 256 23.95 6.00 15.68
C ASN B 256 25.21 5.21 15.37
N VAL B 257 25.44 4.95 14.07
CA VAL B 257 26.62 4.22 13.60
C VAL B 257 27.89 5.03 13.85
N LYS B 258 27.83 6.36 13.65
CA LYS B 258 28.96 7.25 13.93
C LYS B 258 29.33 7.13 15.42
N LEU B 259 28.33 7.14 16.33
CA LEU B 259 28.57 6.97 17.76
C LEU B 259 29.22 5.62 18.07
N VAL B 260 28.65 4.52 17.53
CA VAL B 260 29.16 3.17 17.74
C VAL B 260 30.65 3.07 17.36
N LYS B 261 31.01 3.63 16.19
CA LYS B 261 32.38 3.58 15.68
C LYS B 261 33.32 4.40 16.58
N GLU B 262 32.85 5.53 17.12
CA GLU B 262 33.68 6.34 18.04
C GLU B 262 33.86 5.62 19.38
N LEU B 263 32.79 4.97 19.89
CA LEU B 263 32.89 4.19 21.14
C LEU B 263 33.86 3.02 20.98
N ALA B 264 33.78 2.31 19.84
CA ALA B 264 34.63 1.14 19.55
C ALA B 264 36.10 1.54 19.43
N LYS B 265 36.37 2.70 18.84
CA LYS B 265 37.73 3.26 18.64
C LYS B 265 38.36 3.60 20.00
N LYS B 266 37.62 4.34 20.85
CA LYS B 266 38.05 4.77 22.17
C LYS B 266 38.39 3.61 23.12
N GLN B 267 37.63 2.51 23.05
CA GLN B 267 37.81 1.36 23.93
C GLN B 267 38.63 0.20 23.32
N LYS B 268 39.20 0.40 22.12
CA LYS B 268 40.04 -0.59 21.43
C LYS B 268 41.41 -0.70 22.08
ZN ZN C . -13.34 4.07 -12.05
ZN ZN D . -17.95 8.49 1.49
ZN ZN E . -25.94 -2.87 -37.15
ZN ZN F . -15.59 4.09 -9.39
CL CL G . -19.43 6.98 2.10
C36 24G H . -14.70 15.78 -9.52
C37 24G H . -14.74 15.30 -8.26
C35 24G H . -14.09 17.05 -9.77
C33 24G H . -13.56 17.20 -7.36
C13 24G H . -12.51 4.91 -5.10
C3 24G H . -14.04 5.95 -7.93
C2 24G H . -13.20 6.45 -6.77
C1 24G H . -12.34 7.65 -7.14
C26 24G H . -15.38 14.16 -4.18
C27 24G H . -15.67 15.16 -5.30
C25 24G H . -14.20 13.36 -4.74
C6 24G H . -13.21 8.75 -7.76
C28 24G H . -14.26 15.46 -5.80
C4 24G H . -14.88 7.16 -8.58
C52 24G H . 0.31 2.01 0.47
C14 24G H . -11.42 3.95 -4.74
C24 24G H . -14.55 12.03 -5.35
C7 24G H . -12.37 9.89 -8.28
C51 24G H . -0.66 3.13 0.68
C50 24G H . -1.59 3.31 -0.49
C49 24G H . -2.68 4.31 -0.26
C48 24G H . -3.85 4.10 -1.18
C47 24G H . -5.02 3.48 -0.52
C46 24G H . -6.07 4.49 -0.10
C45 24G H . -7.41 3.86 0.10
C44 24G H . -7.98 3.26 -1.16
C43 24G H . -8.74 4.24 -1.94
C42 24G H . -9.52 3.63 -3.08
C40 24G H . -10.62 4.53 -3.59
N34 24G H . -13.57 17.68 -8.65
N32 24G H . -14.19 15.99 -7.19
N11 24G H . -14.96 4.82 -7.57
O39 24G H . -14.00 17.61 -10.86
O38 24G H . -13.00 17.81 -6.46
O15 24G H . -13.36 5.31 -4.34
O18 24G H . -17.37 8.79 -8.99
O21 24G H . -17.60 11.58 -5.77
O29 24G H . -13.56 14.22 -5.73
O5 24G H . -13.97 8.23 -8.87
O9 24G H . -11.72 8.18 -5.98
O30 24G H . -15.04 14.79 -2.94
O31 24G H . -16.34 16.33 -4.86
O8 24G H . -13.18 11.01 -8.66
O41 24G H . -10.08 5.78 -4.00
O17 24G H . -18.03 8.28 -6.57
O22 24G H . -17.11 12.03 -8.24
O10 24G H . -12.36 5.36 -6.36
O12 24G H . -15.70 7.47 -7.57
O23 24G H . -15.30 12.24 -6.56
O19 24G H . -16.22 9.98 -7.10
P16 24G H . -17.01 8.67 -7.57
P20 24G H . -16.68 11.50 -6.93
ZN ZN I . 13.26 1.14 12.80
ZN ZN J . 17.71 9.37 1.14
ZN ZN K . 15.53 1.97 10.30
CL CL L . 19.26 8.18 0.14
C36 24G M . 14.23 13.19 13.79
C37 24G M . 14.30 13.07 12.44
C35 24G M . 13.59 14.33 14.37
C33 24G M . 13.12 15.15 12.10
C13 24G M . 12.38 3.92 6.34
C3 24G M . 13.93 4.12 9.37
C2 24G M . 13.09 4.89 8.38
C1 24G M . 12.17 5.89 9.09
C26 24G M . 15.06 13.19 8.22
C27 24G M . 15.27 13.87 9.58
C25 24G M . 13.92 12.21 8.51
C6 24G M . 12.99 6.82 9.99
C28 24G M . 13.85 13.90 10.12
C4 24G M . 14.72 5.14 10.37
C52 24G M . -0.18 8.69 1.29
C14 24G M . 11.32 3.07 5.71
C24 24G M . 14.31 10.76 8.63
C7 24G M . 12.11 7.73 10.80
C51 24G M . 0.57 7.69 0.42
C50 24G M . 1.07 6.47 1.20
C49 24G M . 2.05 5.61 0.45
C48 24G M . 2.78 4.61 1.33
C47 24G M . 4.19 4.32 0.86
C46 24G M . 5.15 4.03 1.99
C45 24G M . 6.59 4.22 1.60
C44 24G M . 7.53 3.34 2.37
C43 24G M . 8.65 4.06 3.02
C42 24G M . 9.43 3.18 3.99
C40 24G M . 10.49 3.93 4.77
N34 24G M . 13.09 15.24 13.47
N32 24G M . 13.76 14.03 11.59
N11 24G M . 14.90 3.16 8.73
O39 24G M . 13.50 14.57 15.57
O38 24G M . 12.57 15.98 11.39
O15 24G M . 13.19 4.57 5.73
O18 24G M . 17.17 6.66 11.30
O21 24G M . 17.31 10.31 9.00
O29 24G M . 13.26 12.67 9.72
O5 24G M . 13.79 6.06 10.93
O9 24G M . 11.51 6.69 8.12
O30 24G M . 14.69 14.10 7.19
O31 24G M . 15.82 15.18 9.48
O8 24G M . 12.85 8.80 11.38
O41 24G M . 9.90 4.98 5.54
O17 24G M . 17.86 6.83 8.84
O22 24G M . 16.81 9.99 11.49
O10 24G M . 12.26 3.94 7.68
O12 24G M . 15.56 5.75 9.52
O23 24G M . 14.98 10.54 9.90
O19 24G M . 16.02 8.31 9.78
P16 24G M . 16.83 6.94 9.90
P20 24G M . 16.41 9.83 10.08
#